data_4ZZL
#
_entry.id   4ZZL
#
_cell.length_a   84.880
_cell.length_b   84.880
_cell.length_c   114.187
_cell.angle_alpha   90.00
_cell.angle_beta   90.00
_cell.angle_gamma   120.00
#
_symmetry.space_group_name_H-M   'P 32 2 1'
#
loop_
_entity.id
_entity.type
_entity.pdbx_description
1 polymer 'MULTIDRUG RESISTANCE OPERON REPRESSOR'
2 non-polymer GLYCEROL
3 water water
#
_entity_poly.entity_id   1
_entity_poly.type   'polypeptide(L)'
_entity_poly.pdbx_seq_one_letter_code
;MHHHHHHSSGVDLGTENLYFQSMVNPDLMPALMAVFQHVWTRIQSELDCQRLDLTPPDVHVLKLIDEQRGLNLQDLGRQM
CRDKALITRKIRELEGRNLVRRERNPSDQRSFQLFLTDEGLAIHQHAEAIMSRVHDELFAPLTPVEQATLVHLLDQCL
;
_entity_poly.pdbx_strand_id   A,B
#
# COMPACT_ATOMS: atom_id res chain seq x y z
N GLY A 10 15.69 -26.26 -7.61
CA GLY A 10 14.74 -25.40 -8.30
C GLY A 10 14.46 -24.08 -7.60
N VAL A 11 13.22 -23.59 -7.74
CA VAL A 11 12.74 -22.33 -7.18
C VAL A 11 12.18 -22.54 -5.77
N ASP A 12 12.68 -21.79 -4.78
CA ASP A 12 12.22 -21.84 -3.40
C ASP A 12 10.96 -20.93 -3.23
N LEU A 13 9.84 -21.51 -2.82
CA LEU A 13 8.60 -20.73 -2.67
C LEU A 13 8.20 -20.61 -1.20
N GLY A 14 9.14 -20.86 -0.29
CA GLY A 14 8.89 -20.81 1.15
C GLY A 14 7.85 -21.83 1.56
N THR A 15 6.68 -21.38 2.03
CA THR A 15 5.61 -22.30 2.43
C THR A 15 4.51 -22.40 1.33
N GLU A 16 4.73 -21.74 0.18
CA GLU A 16 3.77 -21.71 -0.93
C GLU A 16 3.76 -23.01 -1.75
N ASN A 17 2.61 -23.32 -2.32
CA ASN A 17 2.40 -24.53 -3.10
C ASN A 17 2.62 -24.19 -4.56
N LEU A 18 3.54 -24.92 -5.24
CA LEU A 18 3.86 -24.69 -6.66
C LEU A 18 2.67 -24.96 -7.58
N TYR A 19 1.69 -25.77 -7.11
CA TYR A 19 0.50 -26.02 -7.93
C TYR A 19 -0.70 -25.16 -7.51
N PHE A 20 -0.50 -24.12 -6.67
CA PHE A 20 -1.65 -23.32 -6.22
C PHE A 20 -2.49 -22.80 -7.39
N GLN A 21 -3.78 -23.03 -7.31
CA GLN A 21 -4.69 -22.55 -8.32
C GLN A 21 -5.46 -21.32 -7.81
N SER A 22 -5.20 -20.18 -8.43
CA SER A 22 -5.90 -18.96 -8.11
C SER A 22 -7.16 -18.92 -8.94
N MET A 23 -8.25 -18.44 -8.36
CA MET A 23 -9.52 -18.30 -9.08
C MET A 23 -10.03 -16.86 -9.04
N VAL A 24 -9.24 -15.95 -8.51
CA VAL A 24 -9.66 -14.56 -8.43
C VAL A 24 -9.79 -13.98 -9.87
N ASN A 25 -10.74 -13.06 -10.09
CA ASN A 25 -10.87 -12.35 -11.36
C ASN A 25 -9.53 -11.60 -11.60
N PRO A 26 -8.80 -11.87 -12.69
CA PRO A 26 -7.46 -11.27 -12.84
C PRO A 26 -7.46 -9.75 -13.00
N ASP A 27 -8.62 -9.13 -13.28
CA ASP A 27 -8.73 -7.68 -13.42
C ASP A 27 -9.05 -6.98 -12.11
N LEU A 28 -9.35 -7.72 -11.03
CA LEU A 28 -9.76 -7.13 -9.75
C LEU A 28 -8.65 -6.35 -9.02
N MET A 29 -7.50 -7.00 -8.78
CA MET A 29 -6.39 -6.32 -8.11
C MET A 29 -5.87 -5.15 -8.97
N PRO A 30 -5.65 -5.28 -10.31
CA PRO A 30 -5.26 -4.09 -11.10
C PRO A 30 -6.30 -2.94 -11.07
N ALA A 31 -7.61 -3.24 -11.03
CA ALA A 31 -8.64 -2.18 -10.97
C ALA A 31 -8.58 -1.44 -9.64
N LEU A 32 -8.46 -2.17 -8.53
CA LEU A 32 -8.36 -1.56 -7.21
C LEU A 32 -7.07 -0.75 -7.04
N MET A 33 -5.94 -1.25 -7.58
CA MET A 33 -4.65 -0.54 -7.53
C MET A 33 -4.71 0.73 -8.39
N ALA A 34 -5.40 0.68 -9.55
CA ALA A 34 -5.54 1.88 -10.38
C ALA A 34 -6.36 2.94 -9.64
N VAL A 35 -7.40 2.51 -8.88
CA VAL A 35 -8.21 3.44 -8.08
C VAL A 35 -7.34 4.01 -6.92
N PHE A 36 -6.60 3.10 -6.25
CA PHE A 36 -5.67 3.47 -5.17
C PHE A 36 -4.68 4.52 -5.68
N GLN A 37 -4.05 4.30 -6.83
CA GLN A 37 -3.09 5.24 -7.41
C GLN A 37 -3.74 6.61 -7.69
N HIS A 38 -4.98 6.65 -8.21
N HIS A 38 -4.98 6.65 -8.21
CA HIS A 38 -5.69 7.90 -8.47
CA HIS A 38 -5.72 7.89 -8.47
C HIS A 38 -5.93 8.67 -7.16
C HIS A 38 -5.91 8.67 -7.16
N VAL A 39 -6.30 7.94 -6.10
CA VAL A 39 -6.55 8.51 -4.76
C VAL A 39 -5.21 8.99 -4.13
N TRP A 40 -4.20 8.12 -4.10
CA TRP A 40 -2.92 8.43 -3.48
C TRP A 40 -2.18 9.57 -4.18
N THR A 41 -2.20 9.61 -5.53
CA THR A 41 -1.56 10.69 -6.30
C THR A 41 -2.15 12.05 -5.88
N ARG A 42 -3.49 12.15 -5.82
CA ARG A 42 -4.16 13.38 -5.41
C ARG A 42 -3.83 13.77 -3.98
N ILE A 43 -3.79 12.79 -3.03
CA ILE A 43 -3.44 13.07 -1.64
C ILE A 43 -2.01 13.66 -1.59
N GLN A 44 -1.02 12.98 -2.22
CA GLN A 44 0.39 13.40 -2.27
C GLN A 44 0.55 14.80 -2.86
N SER A 45 -0.16 15.07 -3.96
CA SER A 45 -0.11 16.36 -4.65
C SER A 45 -0.71 17.50 -3.79
N GLU A 46 -1.91 17.30 -3.22
CA GLU A 46 -2.57 18.35 -2.45
C GLU A 46 -1.98 18.55 -1.04
N LEU A 47 -1.14 17.61 -0.53
CA LEU A 47 -0.50 17.79 0.78
C LEU A 47 0.79 18.61 0.59
N ASP A 48 1.85 17.99 -0.01
CA ASP A 48 3.17 18.57 -0.31
C ASP A 48 3.80 19.25 0.90
N LEU A 52 8.64 16.24 3.22
CA LEU A 52 7.84 15.24 3.92
C LEU A 52 7.39 14.13 2.97
N ASP A 53 7.79 12.87 3.25
CA ASP A 53 7.44 11.73 2.41
C ASP A 53 6.53 10.75 3.18
N LEU A 54 5.25 11.11 3.29
CA LEU A 54 4.27 10.26 3.97
C LEU A 54 3.86 9.12 3.07
N THR A 55 3.83 7.91 3.62
CA THR A 55 3.44 6.73 2.88
C THR A 55 1.99 6.37 3.27
N PRO A 56 1.28 5.51 2.50
CA PRO A 56 -0.08 5.14 2.92
C PRO A 56 -0.13 4.56 4.36
N PRO A 57 0.78 3.67 4.87
CA PRO A 57 0.67 3.25 6.29
C PRO A 57 0.85 4.39 7.29
N ASP A 58 1.66 5.45 6.97
CA ASP A 58 1.86 6.64 7.82
C ASP A 58 0.54 7.37 8.05
N VAL A 59 -0.24 7.54 6.98
CA VAL A 59 -1.55 8.18 6.98
C VAL A 59 -2.53 7.38 7.86
N HIS A 60 -2.51 6.05 7.73
CA HIS A 60 -3.37 5.20 8.54
C HIS A 60 -2.98 5.23 10.02
N VAL A 61 -1.67 5.35 10.34
CA VAL A 61 -1.21 5.45 11.72
C VAL A 61 -1.81 6.74 12.37
N LEU A 62 -1.76 7.87 11.66
CA LEU A 62 -2.29 9.14 12.15
C LEU A 62 -3.80 9.04 12.44
N LYS A 63 -4.54 8.37 11.53
CA LYS A 63 -5.96 8.15 11.66
C LYS A 63 -6.27 7.33 12.92
N LEU A 64 -5.55 6.22 13.14
CA LEU A 64 -5.76 5.37 14.31
C LEU A 64 -5.47 6.11 15.62
N ILE A 65 -4.42 6.96 15.62
CA ILE A 65 -4.04 7.74 16.82
C ILE A 65 -5.15 8.79 17.11
N ASP A 66 -5.65 9.45 16.06
CA ASP A 66 -6.71 10.46 16.20
C ASP A 66 -8.02 9.84 16.68
N GLU A 67 -8.41 8.67 16.15
CA GLU A 67 -9.69 8.03 16.46
C GLU A 67 -9.68 7.30 17.80
N GLN A 68 -8.50 6.89 18.28
CA GLN A 68 -8.36 6.18 19.55
C GLN A 68 -7.40 6.94 20.45
N ARG A 69 -7.93 8.01 21.06
CA ARG A 69 -7.18 8.92 21.92
C ARG A 69 -6.45 8.16 23.03
N GLY A 70 -5.12 8.35 23.07
CA GLY A 70 -4.24 7.74 24.05
C GLY A 70 -3.97 6.27 23.88
N LEU A 71 -4.16 5.71 22.68
CA LEU A 71 -3.85 4.28 22.47
C LEU A 71 -2.31 4.04 22.60
N ASN A 72 -1.89 2.84 23.01
CA ASN A 72 -0.46 2.53 23.18
C ASN A 72 0.15 1.83 21.94
N LEU A 73 1.49 1.65 21.94
CA LEU A 73 2.25 1.03 20.86
C LEU A 73 1.83 -0.42 20.59
N GLN A 74 1.46 -1.18 21.64
CA GLN A 74 1.03 -2.57 21.50
C GLN A 74 -0.31 -2.65 20.74
N ASP A 75 -1.28 -1.78 21.08
CA ASP A 75 -2.59 -1.77 20.42
C ASP A 75 -2.47 -1.25 19.00
N LEU A 76 -1.57 -0.27 18.77
CA LEU A 76 -1.34 0.23 17.41
C LEU A 76 -0.74 -0.90 16.54
N GLY A 77 0.24 -1.61 17.09
CA GLY A 77 0.90 -2.73 16.41
C GLY A 77 -0.06 -3.83 15.97
N ARG A 78 -0.95 -4.23 16.89
CA ARG A 78 -2.00 -5.23 16.68
C ARG A 78 -2.96 -4.79 15.57
N GLN A 79 -3.36 -3.51 15.55
CA GLN A 79 -4.26 -2.98 14.54
C GLN A 79 -3.58 -2.84 13.16
N MET A 80 -2.27 -2.58 13.13
CA MET A 80 -1.48 -2.45 11.91
C MET A 80 -0.98 -3.84 11.42
N CYS A 81 -1.15 -4.89 12.27
CA CYS A 81 -0.67 -6.28 12.09
C CYS A 81 0.84 -6.28 11.84
N ARG A 82 1.55 -5.42 12.58
CA ARG A 82 3.00 -5.26 12.47
C ARG A 82 3.61 -5.47 13.84
N ASP A 83 4.83 -6.01 13.87
CA ASP A 83 5.53 -6.28 15.12
C ASP A 83 5.83 -4.98 15.84
N LYS A 84 5.83 -5.05 17.19
CA LYS A 84 6.07 -3.93 18.09
C LYS A 84 7.35 -3.12 17.72
N ALA A 85 8.41 -3.82 17.33
CA ALA A 85 9.67 -3.18 16.95
C ALA A 85 9.51 -2.27 15.72
N LEU A 86 8.77 -2.76 14.68
CA LEU A 86 8.54 -2.00 13.44
C LEU A 86 7.65 -0.79 13.66
N ILE A 87 6.60 -0.94 14.44
CA ILE A 87 5.67 0.15 14.72
C ILE A 87 6.34 1.22 15.66
N THR A 88 7.22 0.81 16.60
CA THR A 88 7.93 1.79 17.46
C THR A 88 8.90 2.62 16.60
N ARG A 89 9.57 1.98 15.63
CA ARG A 89 10.46 2.67 14.67
C ARG A 89 9.69 3.73 13.88
N LYS A 90 8.51 3.35 13.37
CA LYS A 90 7.59 4.24 12.66
C LYS A 90 7.17 5.42 13.55
N ILE A 91 6.80 5.16 14.81
CA ILE A 91 6.38 6.23 15.73
C ILE A 91 7.55 7.20 16.01
N ARG A 92 8.78 6.68 16.14
CA ARG A 92 9.94 7.55 16.38
C ARG A 92 10.22 8.47 15.17
N GLU A 93 9.95 7.97 13.95
CA GLU A 93 10.12 8.80 12.75
C GLU A 93 9.06 9.91 12.72
N LEU A 94 7.81 9.57 13.08
CA LEU A 94 6.69 10.53 13.11
C LEU A 94 6.89 11.55 14.22
N GLU A 95 7.48 11.10 15.36
CA GLU A 95 7.85 11.94 16.52
C GLU A 95 8.91 12.94 16.05
N GLY A 96 9.90 12.45 15.29
CA GLY A 96 10.97 13.27 14.73
C GLY A 96 10.45 14.35 13.78
N ARG A 97 9.33 14.06 13.10
CA ARG A 97 8.71 15.00 12.17
C ARG A 97 7.64 15.88 12.85
N ASN A 98 7.58 15.80 14.20
N ASN A 98 7.58 15.82 14.21
CA ASN A 98 6.69 16.55 15.09
CA ASN A 98 6.66 16.56 15.08
C ASN A 98 5.21 16.33 14.72
C ASN A 98 5.19 16.33 14.71
N LEU A 99 4.84 15.08 14.39
CA LEU A 99 3.46 14.74 14.03
C LEU A 99 2.79 13.98 15.16
N VAL A 100 3.60 13.23 15.93
CA VAL A 100 3.12 12.37 17.02
C VAL A 100 3.93 12.69 18.28
N ARG A 101 3.32 12.48 19.45
CA ARG A 101 4.01 12.63 20.73
C ARG A 101 3.61 11.47 21.65
N ARG A 102 4.51 11.09 22.55
CA ARG A 102 4.26 10.06 23.54
C ARG A 102 4.10 10.76 24.88
N GLU A 103 3.11 10.33 25.66
CA GLU A 103 2.80 10.87 26.98
C GLU A 103 2.74 9.76 27.99
N ARG A 104 3.26 9.99 29.20
CA ARG A 104 3.21 8.98 30.26
C ARG A 104 1.77 8.71 30.63
N ASN A 105 1.40 7.42 30.70
CA ASN A 105 0.07 6.94 31.07
C ASN A 105 -0.09 7.01 32.60
N PRO A 106 -1.10 7.74 33.15
CA PRO A 106 -1.22 7.83 34.62
C PRO A 106 -1.60 6.50 35.30
N SER A 107 -2.52 5.71 34.69
CA SER A 107 -3.02 4.43 35.23
C SER A 107 -1.94 3.31 35.29
N ASP A 108 -0.68 3.62 34.95
CA ASP A 108 0.42 2.66 34.99
C ASP A 108 1.63 3.22 35.76
N GLN A 109 2.55 2.30 36.12
CA GLN A 109 3.80 2.59 36.83
C GLN A 109 4.77 3.36 35.88
N ARG A 110 4.92 2.88 34.62
CA ARG A 110 5.71 3.52 33.55
C ARG A 110 5.37 2.90 32.20
N SER A 111 4.46 3.55 31.49
CA SER A 111 4.03 3.20 30.15
C SER A 111 3.67 4.49 29.40
N PHE A 112 3.49 4.41 28.08
CA PHE A 112 3.24 5.61 27.29
C PHE A 112 1.99 5.45 26.39
N GLN A 113 1.41 6.60 26.03
CA GLN A 113 0.24 6.73 25.18
C GLN A 113 0.56 7.64 23.99
N LEU A 114 -0.09 7.39 22.84
CA LEU A 114 0.18 8.17 21.64
C LEU A 114 -0.87 9.21 21.40
N PHE A 115 -0.43 10.41 21.03
CA PHE A 115 -1.27 11.54 20.71
C PHE A 115 -0.70 12.26 19.50
N LEU A 116 -1.57 12.89 18.72
CA LEU A 116 -1.12 13.70 17.62
C LEU A 116 -0.73 15.06 18.16
N THR A 117 0.23 15.72 17.51
CA THR A 117 0.56 17.10 17.85
C THR A 117 -0.44 17.98 17.08
N ASP A 118 -0.32 19.32 17.17
CA ASP A 118 -1.20 20.21 16.38
C ASP A 118 -0.97 19.96 14.87
N GLU A 119 0.31 19.79 14.45
CA GLU A 119 0.73 19.52 13.05
C GLU A 119 0.24 18.14 12.56
N GLY A 120 0.30 17.13 13.43
CA GLY A 120 -0.15 15.78 13.13
C GLY A 120 -1.65 15.71 12.89
N LEU A 121 -2.42 16.45 13.70
CA LEU A 121 -3.88 16.53 13.58
C LEU A 121 -4.24 17.29 12.32
N ALA A 122 -3.47 18.36 12.01
CA ALA A 122 -3.69 19.15 10.81
C ALA A 122 -3.44 18.31 9.58
N ILE A 123 -2.37 17.47 9.54
CA ILE A 123 -2.09 16.65 8.35
C ILE A 123 -3.20 15.58 8.17
N HIS A 124 -3.61 14.95 9.27
CA HIS A 124 -4.65 13.93 9.27
C HIS A 124 -5.98 14.49 8.72
N GLN A 125 -6.37 15.71 9.17
CA GLN A 125 -7.60 16.38 8.76
C GLN A 125 -7.56 16.80 7.31
N HIS A 126 -6.41 17.28 6.84
CA HIS A 126 -6.21 17.70 5.47
C HIS A 126 -6.29 16.50 4.55
N ALA A 127 -5.56 15.41 4.85
CA ALA A 127 -5.57 14.18 4.06
C ALA A 127 -6.99 13.60 3.93
N GLU A 128 -7.75 13.63 5.04
CA GLU A 128 -9.14 13.14 5.13
C GLU A 128 -10.05 13.95 4.22
N ALA A 129 -9.80 15.30 4.16
CA ALA A 129 -10.53 16.25 3.30
C ALA A 129 -10.25 15.97 1.84
N ILE A 130 -8.98 15.64 1.50
CA ILE A 130 -8.59 15.31 0.14
C ILE A 130 -9.29 14.00 -0.27
N MET A 131 -9.20 12.93 0.58
CA MET A 131 -9.86 11.64 0.36
C MET A 131 -11.33 11.84 0.05
N SER A 132 -12.03 12.64 0.90
CA SER A 132 -13.45 12.94 0.77
C SER A 132 -13.77 13.59 -0.58
N ARG A 133 -12.94 14.56 -1.00
CA ARG A 133 -13.08 15.32 -2.24
C ARG A 133 -12.79 14.46 -3.48
N VAL A 134 -11.75 13.63 -3.42
CA VAL A 134 -11.31 12.77 -4.53
C VAL A 134 -12.30 11.61 -4.72
N HIS A 135 -12.81 11.02 -3.62
CA HIS A 135 -13.78 9.93 -3.74
C HIS A 135 -15.11 10.42 -4.34
N ASP A 136 -15.55 11.64 -3.94
CA ASP A 136 -16.75 12.26 -4.47
C ASP A 136 -16.62 12.44 -5.98
N GLU A 137 -15.47 12.92 -6.46
CA GLU A 137 -15.24 13.13 -7.89
C GLU A 137 -15.17 11.82 -8.65
N LEU A 138 -14.42 10.85 -8.10
CA LEU A 138 -14.19 9.55 -8.74
C LEU A 138 -15.48 8.73 -8.87
N PHE A 139 -16.40 8.79 -7.89
CA PHE A 139 -17.58 7.94 -7.93
C PHE A 139 -18.89 8.67 -8.31
N ALA A 140 -18.78 9.97 -8.64
CA ALA A 140 -19.89 10.79 -9.15
C ALA A 140 -20.53 10.13 -10.44
N PRO A 141 -19.74 9.51 -11.37
CA PRO A 141 -20.34 8.83 -12.55
C PRO A 141 -21.18 7.60 -12.23
N LEU A 142 -21.17 7.14 -10.99
CA LEU A 142 -22.00 5.99 -10.62
C LEU A 142 -23.34 6.47 -10.13
N THR A 143 -24.42 5.76 -10.52
CA THR A 143 -25.76 6.11 -10.08
C THR A 143 -25.91 5.75 -8.59
N PRO A 144 -26.89 6.32 -7.85
CA PRO A 144 -27.06 5.91 -6.44
C PRO A 144 -27.16 4.37 -6.24
N VAL A 145 -27.81 3.63 -7.18
CA VAL A 145 -27.96 2.16 -7.11
C VAL A 145 -26.57 1.48 -7.24
N GLU A 146 -25.76 1.93 -8.22
CA GLU A 146 -24.40 1.41 -8.44
C GLU A 146 -23.51 1.70 -7.23
N GLN A 147 -23.66 2.89 -6.61
CA GLN A 147 -22.88 3.27 -5.43
C GLN A 147 -23.24 2.36 -4.25
N ALA A 148 -24.54 2.03 -4.08
CA ALA A 148 -24.97 1.14 -3.01
C ALA A 148 -24.43 -0.30 -3.25
N THR A 149 -24.39 -0.75 -4.52
CA THR A 149 -23.85 -2.06 -4.89
C THR A 149 -22.35 -2.08 -4.56
N LEU A 150 -21.63 -0.99 -4.90
CA LEU A 150 -20.20 -0.87 -4.65
C LEU A 150 -19.92 -0.95 -3.14
N VAL A 151 -20.70 -0.23 -2.32
CA VAL A 151 -20.58 -0.25 -0.85
C VAL A 151 -20.75 -1.70 -0.35
N HIS A 152 -21.83 -2.36 -0.80
CA HIS A 152 -22.14 -3.73 -0.39
C HIS A 152 -20.99 -4.68 -0.72
N LEU A 153 -20.46 -4.61 -1.95
CA LEU A 153 -19.36 -5.48 -2.40
C LEU A 153 -18.05 -5.19 -1.65
N LEU A 154 -17.75 -3.92 -1.38
CA LEU A 154 -16.53 -3.57 -0.64
C LEU A 154 -16.63 -4.05 0.80
N ASP A 155 -17.82 -3.94 1.41
CA ASP A 155 -18.08 -4.36 2.78
C ASP A 155 -17.90 -5.86 2.96
N GLN A 156 -18.24 -6.67 1.94
CA GLN A 156 -18.12 -8.13 2.00
C GLN A 156 -16.67 -8.59 2.13
N CYS A 157 -15.71 -7.77 1.68
CA CYS A 157 -14.27 -8.02 1.77
C CYS A 157 -13.72 -7.56 3.15
N LEU A 158 -14.56 -6.82 3.94
CA LEU A 158 -14.26 -6.21 5.25
C LEU A 158 -13.17 -5.16 5.13
N VAL B 24 -22.70 11.81 -3.32
CA VAL B 24 -22.05 10.49 -3.28
C VAL B 24 -22.34 9.83 -1.93
N ASN B 25 -22.70 8.54 -1.97
CA ASN B 25 -23.02 7.69 -0.84
C ASN B 25 -21.95 7.91 0.26
N PRO B 26 -22.34 8.39 1.46
CA PRO B 26 -21.32 8.68 2.49
C PRO B 26 -20.57 7.46 3.04
N ASP B 27 -21.06 6.24 2.76
CA ASP B 27 -20.40 4.99 3.20
C ASP B 27 -19.36 4.49 2.19
N LEU B 28 -19.32 5.08 0.99
CA LEU B 28 -18.43 4.65 -0.09
C LEU B 28 -16.94 4.90 0.20
N MET B 29 -16.54 6.14 0.51
CA MET B 29 -15.15 6.46 0.81
C MET B 29 -14.67 5.64 2.03
N PRO B 30 -15.39 5.55 3.19
CA PRO B 30 -14.89 4.70 4.29
C PRO B 30 -14.74 3.23 3.89
N ALA B 31 -15.68 2.67 3.08
CA ALA B 31 -15.61 1.26 2.70
C ALA B 31 -14.39 1.00 1.80
N LEU B 32 -14.15 1.87 0.81
CA LEU B 32 -13.04 1.71 -0.11
C LEU B 32 -11.70 1.91 0.60
N MET B 33 -11.62 2.87 1.55
CA MET B 33 -10.39 3.10 2.31
C MET B 33 -10.11 1.94 3.26
N ALA B 34 -11.16 1.34 3.86
CA ALA B 34 -10.98 0.18 4.72
C ALA B 34 -10.44 -1.01 3.88
N VAL B 35 -10.92 -1.15 2.60
CA VAL B 35 -10.47 -2.22 1.71
C VAL B 35 -8.98 -1.96 1.35
N PHE B 36 -8.58 -0.72 0.98
CA PHE B 36 -7.18 -0.42 0.66
C PHE B 36 -6.27 -0.75 1.83
N GLN B 37 -6.67 -0.32 3.02
CA GLN B 37 -5.95 -0.60 4.24
C GLN B 37 -5.91 -2.13 4.53
N HIS B 38 -7.02 -2.84 4.37
CA HIS B 38 -7.05 -4.29 4.65
C HIS B 38 -6.13 -5.06 3.67
N VAL B 39 -6.12 -4.70 2.38
CA VAL B 39 -5.29 -5.32 1.34
C VAL B 39 -3.80 -5.07 1.63
N TRP B 40 -3.43 -3.80 1.93
CA TRP B 40 -2.04 -3.42 2.23
C TRP B 40 -1.54 -4.22 3.44
N THR B 41 -2.29 -4.22 4.52
CA THR B 41 -1.98 -4.90 5.80
C THR B 41 -1.81 -6.40 5.57
N ARG B 42 -2.75 -7.04 4.86
CA ARG B 42 -2.66 -8.48 4.59
C ARG B 42 -1.41 -8.81 3.77
N ILE B 43 -1.08 -8.03 2.73
CA ILE B 43 0.10 -8.31 1.90
C ILE B 43 1.34 -8.16 2.75
N GLN B 44 1.44 -7.02 3.47
CA GLN B 44 2.59 -6.73 4.33
C GLN B 44 2.80 -7.86 5.39
N SER B 45 1.73 -8.33 6.06
CA SER B 45 1.80 -9.41 7.05
C SER B 45 2.28 -10.71 6.42
N GLU B 46 1.78 -11.02 5.22
CA GLU B 46 2.16 -12.26 4.53
C GLU B 46 3.62 -12.22 4.12
N LEU B 47 4.09 -11.05 3.65
CA LEU B 47 5.52 -10.89 3.31
C LEU B 47 6.37 -11.00 4.61
N ASP B 48 5.94 -10.36 5.72
CA ASP B 48 6.63 -10.40 7.03
C ASP B 48 6.74 -11.84 7.58
N CYS B 49 5.66 -12.62 7.45
CA CYS B 49 5.53 -13.99 7.92
C CYS B 49 6.57 -14.92 7.28
N GLN B 50 6.95 -14.69 6.02
CA GLN B 50 7.93 -15.53 5.35
C GLN B 50 9.29 -14.78 5.21
N ARG B 51 9.46 -13.75 6.04
CA ARG B 51 10.69 -12.93 6.17
C ARG B 51 11.22 -12.37 4.84
N LEU B 52 10.31 -11.95 3.96
CA LEU B 52 10.69 -11.22 2.74
C LEU B 52 10.69 -9.79 3.19
N ASP B 53 11.86 -9.16 3.27
CA ASP B 53 11.95 -7.78 3.73
C ASP B 53 11.51 -6.88 2.59
N LEU B 54 10.20 -6.86 2.34
CA LEU B 54 9.61 -6.11 1.25
C LEU B 54 8.30 -5.51 1.68
N THR B 55 7.93 -4.40 1.06
CA THR B 55 6.66 -3.73 1.26
C THR B 55 5.79 -4.03 0.02
N PRO B 56 4.45 -3.82 0.05
CA PRO B 56 3.64 -4.07 -1.16
C PRO B 56 4.15 -3.29 -2.41
N PRO B 57 4.56 -1.99 -2.36
CA PRO B 57 5.11 -1.37 -3.59
C PRO B 57 6.42 -2.01 -4.08
N ASP B 58 7.28 -2.60 -3.20
CA ASP B 58 8.52 -3.27 -3.64
C ASP B 58 8.20 -4.49 -4.47
N VAL B 59 7.20 -5.27 -4.03
CA VAL B 59 6.73 -6.45 -4.73
C VAL B 59 6.33 -6.03 -6.13
N HIS B 60 5.56 -4.93 -6.26
CA HIS B 60 5.12 -4.45 -7.55
C HIS B 60 6.29 -3.95 -8.40
N VAL B 61 7.32 -3.34 -7.79
CA VAL B 61 8.51 -2.88 -8.51
C VAL B 61 9.23 -4.09 -9.17
N LEU B 62 9.43 -5.17 -8.39
CA LEU B 62 10.10 -6.38 -8.85
C LEU B 62 9.35 -7.01 -10.03
N LYS B 63 8.01 -7.04 -9.94
CA LYS B 63 7.11 -7.55 -10.98
C LYS B 63 7.27 -6.74 -12.27
N LEU B 64 7.23 -5.41 -12.18
CA LEU B 64 7.37 -4.55 -13.35
C LEU B 64 8.73 -4.71 -14.01
N ILE B 65 9.81 -4.86 -13.22
CA ILE B 65 11.17 -5.04 -13.75
C ILE B 65 11.26 -6.41 -14.47
N ASP B 66 10.69 -7.46 -13.86
CA ASP B 66 10.69 -8.80 -14.45
C ASP B 66 9.87 -8.86 -15.77
N GLU B 67 8.70 -8.22 -15.80
CA GLU B 67 7.80 -8.27 -16.95
C GLU B 67 8.22 -7.35 -18.09
N GLN B 68 8.99 -6.29 -17.79
CA GLN B 68 9.44 -5.33 -18.81
C GLN B 68 10.96 -5.27 -18.75
N ARG B 69 11.61 -6.27 -19.33
CA ARG B 69 13.06 -6.42 -19.37
C ARG B 69 13.76 -5.16 -19.90
N GLY B 70 14.65 -4.62 -19.07
CA GLY B 70 15.42 -3.43 -19.38
C GLY B 70 14.67 -2.11 -19.35
N LEU B 71 13.53 -2.04 -18.64
CA LEU B 71 12.80 -0.79 -18.56
C LEU B 71 13.63 0.25 -17.79
N ASN B 72 13.50 1.49 -18.22
CA ASN B 72 14.24 2.56 -17.61
C ASN B 72 13.50 3.08 -16.41
N LEU B 73 14.23 3.85 -15.60
CA LEU B 73 13.81 4.46 -14.36
C LEU B 73 12.65 5.44 -14.56
N GLN B 74 12.63 6.17 -15.69
CA GLN B 74 11.54 7.10 -16.01
C GLN B 74 10.22 6.33 -16.23
N ASP B 75 10.27 5.21 -16.98
CA ASP B 75 9.08 4.39 -17.25
C ASP B 75 8.60 3.70 -15.99
N LEU B 76 9.53 3.28 -15.11
CA LEU B 76 9.15 2.68 -13.83
C LEU B 76 8.44 3.73 -12.97
N GLY B 77 9.00 4.94 -12.90
CA GLY B 77 8.45 6.07 -12.16
C GLY B 77 7.02 6.39 -12.55
N ARG B 78 6.77 6.49 -13.87
CA ARG B 78 5.46 6.77 -14.47
C ARG B 78 4.44 5.69 -14.08
N GLN B 79 4.85 4.41 -14.15
CA GLN B 79 3.98 3.28 -13.82
C GLN B 79 3.67 3.19 -12.33
N MET B 80 4.64 3.60 -11.47
CA MET B 80 4.49 3.60 -10.02
C MET B 80 3.86 4.89 -9.50
N CYS B 81 3.72 5.92 -10.38
CA CYS B 81 3.23 7.28 -10.09
C CYS B 81 4.12 7.93 -9.01
N ARG B 82 5.44 7.85 -9.24
CA ARG B 82 6.47 8.37 -8.35
C ARG B 82 7.44 9.22 -9.12
N ASP B 83 7.81 10.39 -8.55
CA ASP B 83 8.81 11.29 -9.14
C ASP B 83 10.16 10.56 -9.21
N LYS B 84 11.07 11.04 -10.06
CA LYS B 84 12.39 10.46 -10.29
C LYS B 84 13.17 10.25 -8.99
N ALA B 85 13.10 11.21 -8.04
CA ALA B 85 13.82 11.15 -6.78
C ALA B 85 13.38 9.98 -5.92
N LEU B 86 12.07 9.80 -5.75
N LEU B 86 12.07 9.80 -5.76
CA LEU B 86 11.51 8.72 -4.92
CA LEU B 86 11.47 8.75 -4.94
C LEU B 86 11.79 7.34 -5.54
C LEU B 86 11.75 7.35 -5.53
N ILE B 87 11.60 7.19 -6.87
CA ILE B 87 11.82 5.91 -7.53
C ILE B 87 13.33 5.54 -7.56
N THR B 88 14.23 6.53 -7.72
CA THR B 88 15.68 6.27 -7.67
C THR B 88 16.06 5.78 -6.29
N ARG B 89 15.54 6.41 -5.25
CA ARG B 89 15.77 6.01 -3.86
C ARG B 89 15.35 4.56 -3.65
N LYS B 90 14.14 4.22 -4.09
CA LYS B 90 13.62 2.87 -3.99
C LYS B 90 14.52 1.86 -4.73
N ILE B 91 14.93 2.18 -5.96
CA ILE B 91 15.81 1.29 -6.75
C ILE B 91 17.18 1.13 -6.07
N ARG B 92 17.74 2.22 -5.50
CA ARG B 92 19.04 2.15 -4.82
C ARG B 92 18.96 1.31 -3.57
N GLU B 93 17.79 1.28 -2.89
CA GLU B 93 17.62 0.41 -1.71
C GLU B 93 17.57 -1.06 -2.15
N LEU B 94 16.89 -1.34 -3.25
CA LEU B 94 16.79 -2.71 -3.82
C LEU B 94 18.14 -3.16 -4.39
N GLU B 95 18.92 -2.21 -4.95
CA GLU B 95 20.27 -2.44 -5.46
C GLU B 95 21.19 -2.78 -4.28
N GLY B 96 21.04 -2.03 -3.17
CA GLY B 96 21.77 -2.23 -1.92
C GLY B 96 21.52 -3.60 -1.32
N ARG B 97 20.30 -4.14 -1.53
N ARG B 97 20.30 -4.15 -1.51
CA ARG B 97 19.89 -5.46 -1.07
CA ARG B 97 19.92 -5.49 -1.05
C ARG B 97 20.24 -6.54 -2.12
C ARG B 97 20.29 -6.55 -2.11
N ASN B 98 20.95 -6.14 -3.21
CA ASN B 98 21.39 -7.01 -4.33
C ASN B 98 20.20 -7.72 -5.06
N LEU B 99 19.07 -7.03 -5.21
CA LEU B 99 17.87 -7.57 -5.87
C LEU B 99 17.72 -7.02 -7.27
N VAL B 100 18.22 -5.79 -7.48
CA VAL B 100 18.08 -5.07 -8.74
C VAL B 100 19.48 -4.58 -9.17
N ARG B 101 19.67 -4.47 -10.47
CA ARG B 101 20.88 -4.02 -11.12
C ARG B 101 20.54 -2.84 -12.04
N ARG B 102 21.29 -1.75 -11.93
CA ARG B 102 21.18 -0.58 -12.79
C ARG B 102 22.29 -0.66 -13.86
N GLU B 103 21.94 -0.59 -15.14
CA GLU B 103 22.90 -0.61 -16.23
C GLU B 103 22.64 0.58 -17.12
N ARG B 104 23.69 1.30 -17.51
CA ARG B 104 23.50 2.45 -18.37
C ARG B 104 23.05 2.01 -19.73
N ASN B 105 22.07 2.72 -20.29
CA ASN B 105 21.60 2.45 -21.64
C ASN B 105 22.75 2.80 -22.60
N PRO B 106 23.28 1.87 -23.44
CA PRO B 106 24.39 2.22 -24.35
C PRO B 106 24.05 3.39 -25.29
N SER B 107 22.80 3.45 -25.79
CA SER B 107 22.34 4.51 -26.69
C SER B 107 22.06 5.87 -25.97
N ASP B 108 22.05 5.89 -24.61
CA ASP B 108 21.79 7.09 -23.79
C ASP B 108 22.36 6.86 -22.37
N GLN B 109 23.68 7.14 -22.20
CA GLN B 109 24.46 6.96 -20.97
C GLN B 109 23.87 7.73 -19.76
N ARG B 110 23.01 8.73 -19.97
CA ARG B 110 22.37 9.48 -18.89
C ARG B 110 21.25 8.65 -18.23
N SER B 111 20.77 7.61 -18.92
CA SER B 111 19.66 6.78 -18.49
C SER B 111 20.10 5.39 -18.03
N PHE B 112 19.35 4.84 -17.07
CA PHE B 112 19.60 3.49 -16.57
C PHE B 112 18.51 2.58 -17.02
N GLN B 113 18.88 1.34 -17.30
CA GLN B 113 17.99 0.21 -17.57
C GLN B 113 18.04 -0.68 -16.34
N LEU B 114 16.90 -1.26 -15.97
CA LEU B 114 16.77 -2.04 -14.74
C LEU B 114 16.58 -3.50 -15.03
N PHE B 115 17.27 -4.33 -14.28
CA PHE B 115 17.20 -5.79 -14.37
C PHE B 115 17.19 -6.38 -12.99
N LEU B 116 16.57 -7.54 -12.83
CA LEU B 116 16.65 -8.24 -11.56
C LEU B 116 17.93 -9.03 -11.53
N THR B 117 18.53 -9.20 -10.35
CA THR B 117 19.70 -10.07 -10.23
C THR B 117 19.15 -11.51 -10.09
N ASP B 118 20.03 -12.51 -9.93
CA ASP B 118 19.60 -13.89 -9.66
C ASP B 118 18.77 -13.93 -8.34
N GLU B 119 19.28 -13.23 -7.29
CA GLU B 119 18.65 -13.11 -5.97
C GLU B 119 17.31 -12.34 -6.09
N GLY B 120 17.27 -11.30 -6.91
CA GLY B 120 16.06 -10.52 -7.15
C GLY B 120 14.98 -11.32 -7.84
N LEU B 121 15.39 -12.14 -8.81
CA LEU B 121 14.49 -13.01 -9.55
C LEU B 121 13.92 -14.07 -8.59
N ALA B 122 14.75 -14.67 -7.72
CA ALA B 122 14.33 -15.68 -6.74
C ALA B 122 13.32 -15.09 -5.71
N ILE B 123 13.57 -13.84 -5.26
CA ILE B 123 12.67 -13.17 -4.31
C ILE B 123 11.36 -12.81 -5.06
N HIS B 124 11.46 -12.36 -6.32
CA HIS B 124 10.28 -12.05 -7.14
C HIS B 124 9.37 -13.28 -7.29
N GLN B 125 9.96 -14.45 -7.61
CA GLN B 125 9.22 -15.71 -7.80
C GLN B 125 8.54 -16.15 -6.52
N HIS B 126 9.20 -15.99 -5.39
CA HIS B 126 8.63 -16.32 -4.09
C HIS B 126 7.47 -15.35 -3.76
N ALA B 127 7.70 -14.03 -3.94
CA ALA B 127 6.68 -13.00 -3.68
C ALA B 127 5.45 -13.22 -4.59
N GLU B 128 5.66 -13.62 -5.85
CA GLU B 128 4.61 -13.91 -6.82
C GLU B 128 3.75 -15.10 -6.36
N ALA B 129 4.35 -16.15 -5.80
CA ALA B 129 3.60 -17.30 -5.28
C ALA B 129 2.79 -16.88 -4.03
N ILE B 130 3.34 -15.98 -3.20
CA ILE B 130 2.59 -15.47 -2.04
C ILE B 130 1.38 -14.63 -2.52
N MET B 131 1.60 -13.64 -3.44
CA MET B 131 0.57 -12.74 -3.98
C MET B 131 -0.52 -13.51 -4.70
N SER B 132 -0.16 -14.58 -5.43
CA SER B 132 -1.17 -15.43 -6.08
C SER B 132 -2.20 -15.95 -5.02
N ARG B 133 -1.69 -16.52 -3.92
CA ARG B 133 -2.54 -17.02 -2.86
C ARG B 133 -3.24 -15.89 -2.12
N VAL B 134 -2.50 -14.80 -1.77
CA VAL B 134 -3.04 -13.69 -0.99
C VAL B 134 -4.18 -12.97 -1.74
N HIS B 135 -4.00 -12.67 -3.04
CA HIS B 135 -5.04 -12.01 -3.84
C HIS B 135 -6.30 -12.89 -3.91
N ASP B 136 -6.13 -14.24 -4.10
CA ASP B 136 -7.24 -15.18 -4.14
C ASP B 136 -8.00 -15.22 -2.80
N GLU B 137 -7.26 -15.22 -1.67
CA GLU B 137 -7.87 -15.24 -0.34
C GLU B 137 -8.57 -13.92 0.00
N LEU B 138 -8.02 -12.78 -0.41
CA LEU B 138 -8.61 -11.47 -0.11
C LEU B 138 -10.00 -11.30 -0.76
N PHE B 139 -10.20 -11.84 -1.99
CA PHE B 139 -11.48 -11.63 -2.67
C PHE B 139 -12.38 -12.87 -2.70
N ALA B 140 -11.96 -13.94 -1.99
CA ALA B 140 -12.72 -15.20 -1.78
C ALA B 140 -14.09 -14.92 -1.19
N PRO B 141 -14.33 -13.89 -0.32
CA PRO B 141 -15.71 -13.65 0.16
C PRO B 141 -16.69 -13.21 -0.96
N LEU B 142 -16.19 -12.83 -2.14
CA LEU B 142 -17.02 -12.46 -3.29
C LEU B 142 -17.08 -13.60 -4.28
N THR B 143 -18.28 -13.86 -4.84
CA THR B 143 -18.44 -14.89 -5.87
C THR B 143 -17.79 -14.40 -7.18
N PRO B 144 -17.47 -15.28 -8.17
CA PRO B 144 -16.95 -14.78 -9.45
C PRO B 144 -17.85 -13.68 -10.10
N VAL B 145 -19.18 -13.79 -10.00
CA VAL B 145 -20.13 -12.79 -10.56
C VAL B 145 -19.98 -11.43 -9.82
N GLU B 146 -19.88 -11.46 -8.47
CA GLU B 146 -19.68 -10.25 -7.66
C GLU B 146 -18.33 -9.60 -7.96
N GLN B 147 -17.28 -10.42 -8.18
CA GLN B 147 -15.94 -9.90 -8.54
C GLN B 147 -15.99 -9.19 -9.88
N ALA B 148 -16.74 -9.75 -10.85
CA ALA B 148 -16.88 -9.14 -12.19
C ALA B 148 -17.68 -7.82 -12.07
N THR B 149 -18.70 -7.78 -11.19
CA THR B 149 -19.50 -6.56 -10.94
C THR B 149 -18.59 -5.48 -10.30
N LEU B 150 -17.73 -5.88 -9.34
CA LEU B 150 -16.81 -4.95 -8.70
C LEU B 150 -15.84 -4.34 -9.73
N VAL B 151 -15.27 -5.18 -10.62
CA VAL B 151 -14.37 -4.74 -11.70
C VAL B 151 -15.11 -3.73 -12.58
N HIS B 152 -16.33 -4.08 -13.02
CA HIS B 152 -17.14 -3.25 -13.90
C HIS B 152 -17.40 -1.88 -13.28
N LEU B 153 -17.79 -1.83 -11.99
CA LEU B 153 -18.07 -0.58 -11.29
C LEU B 153 -16.82 0.28 -11.10
N LEU B 154 -15.68 -0.36 -10.78
CA LEU B 154 -14.42 0.37 -10.62
C LEU B 154 -13.96 0.93 -11.96
N ASP B 155 -14.13 0.17 -13.05
CA ASP B 155 -13.74 0.56 -14.42
C ASP B 155 -14.51 1.76 -14.91
N GLN B 156 -15.80 1.91 -14.51
CA GLN B 156 -16.65 3.03 -14.93
C GLN B 156 -16.11 4.36 -14.42
N CYS B 157 -15.36 4.36 -13.31
CA CYS B 157 -14.72 5.52 -12.70
C CYS B 157 -13.34 5.80 -13.33
N LEU B 158 -12.83 4.87 -14.18
CA LEU B 158 -11.53 4.86 -14.87
C LEU B 158 -10.39 4.83 -13.86
#